data_9LS0
#
_entry.id   9LS0
#
_cell.length_a   1.00
_cell.length_b   1.00
_cell.length_c   1.00
_cell.angle_alpha   90.00
_cell.angle_beta   90.00
_cell.angle_gamma   90.00
#
_symmetry.space_group_name_H-M   'P 1'
#
loop_
_entity.id
_entity.type
_entity.pdbx_description
1 polymer Flagellin
2 polymer 'Bacterial flagellar sheath protein'
#
loop_
_entity_poly.entity_id
_entity_poly.type
_entity_poly.pdbx_seq_one_letter_code
_entity_poly.pdbx_strand_id
1 'polypeptide(L)'
;MIINHNVSAIFAHRTLKSNDANLSKDIEKLSSGMRINKAGDDASGLAVSEKMRTQIAGLRRAEQNTEDGMSLIQTAEGYL
QETHEIVQRVRVLAVQAANGIYSEEDRQQIQVEVSQLVDEIDRIASQAEFNKMKLLTGAFARLNPTASMWFHIGANMHQR
ERVYIETMNTAALGLRNPTVLTFISLSTAGKANSVIGLCDDALRVISKQRADLGAYYNRMEHAAKGLMNAYENTQASESR
IRDTDMAEQMTSFTRYQILTQAATSMLAQANMKSQSVMRLLQ
;
A
2 'polypeptide(L)'
;MKIIKYLLILQLVSGFSVLFAQTQPANAQESQAAKDQVDELLKGELVPENDDAELTEDQKKKKKEIMEQESLWKNPDFKG
YNKTFQELHQLSKTFANNQFRLALSNYQSGVNTIMKNRDWVEQYRKEEAEKKRLDEKWYWQKVDRKAREERVVYREKMKA
KQDALNYFSKAINHLDEIKNPDLRERPEFKRLLSDVYRSWIMAEYDLQNLPQTIPILELYIEIDDNEKEYPAHKYLASAY
SFEENMIKKTKGPDDMLFKYRYKKNVHLLRATELKYGKDSPEYKHIVNVINRDEVISVAQ
;
B
#
# COMPACT_ATOMS: atom_id res chain seq x y z
N MET A 1 -70.53 -10.94 73.89
CA MET A 1 -69.48 -10.80 72.89
C MET A 1 -69.45 -12.00 71.96
N ILE A 2 -68.88 -11.80 70.77
CA ILE A 2 -68.77 -12.88 69.78
C ILE A 2 -67.47 -13.62 70.00
N ILE A 3 -67.55 -14.95 70.02
CA ILE A 3 -66.36 -15.78 70.17
C ILE A 3 -66.05 -16.60 68.93
N ASN A 4 -66.99 -16.78 68.01
CA ASN A 4 -66.75 -17.63 66.85
C ASN A 4 -65.70 -17.02 65.92
N HIS A 5 -65.69 -15.70 65.81
CA HIS A 5 -64.70 -15.00 65.01
C HIS A 5 -64.18 -13.79 65.78
N ASN A 6 -62.98 -13.35 65.40
CA ASN A 6 -62.31 -12.21 66.04
C ASN A 6 -61.93 -11.22 64.95
N VAL A 7 -62.76 -10.21 64.75
CA VAL A 7 -62.55 -9.25 63.68
C VAL A 7 -61.28 -8.43 63.93
N SER A 8 -61.00 -8.10 65.19
CA SER A 8 -59.80 -7.35 65.52
C SER A 8 -58.54 -8.12 65.16
N ALA A 9 -58.54 -9.43 65.39
CA ALA A 9 -57.38 -10.25 65.05
C ALA A 9 -57.13 -10.27 63.55
N ILE A 10 -58.19 -10.29 62.75
CA ILE A 10 -58.05 -10.28 61.29
C ILE A 10 -57.42 -8.96 60.83
N PHE A 11 -57.85 -7.84 61.41
CA PHE A 11 -57.28 -6.56 61.02
C PHE A 11 -55.81 -6.48 61.39
N ALA A 12 -55.45 -6.94 62.58
CA ALA A 12 -54.07 -6.87 63.04
C ALA A 12 -53.16 -7.77 62.21
N HIS A 13 -53.63 -8.96 61.84
CA HIS A 13 -52.84 -9.82 60.97
C HIS A 13 -52.67 -9.23 59.58
N ARG A 14 -53.74 -8.64 59.04
CA ARG A 14 -53.68 -8.02 57.72
C ARG A 14 -52.66 -6.89 57.68
N THR A 15 -52.65 -6.05 58.72
CA THR A 15 -51.65 -4.99 58.79
C THR A 15 -50.25 -5.55 58.95
N LEU A 16 -50.11 -6.63 59.73
CA LEU A 16 -48.81 -7.27 59.91
C LEU A 16 -48.24 -7.76 58.59
N LYS A 17 -49.10 -8.35 57.74
CA LYS A 17 -48.63 -8.87 56.46
C LYS A 17 -48.08 -7.76 55.56
N SER A 18 -48.76 -6.61 55.53
CA SER A 18 -48.30 -5.51 54.70
C SER A 18 -46.96 -4.98 55.19
N ASN A 19 -46.81 -4.84 56.52
CA ASN A 19 -45.56 -4.33 57.06
C ASN A 19 -44.41 -5.27 56.79
N ASP A 20 -44.65 -6.58 56.90
CA ASP A 20 -43.59 -7.56 56.67
C ASP A 20 -43.12 -7.54 55.23
N ALA A 21 -44.03 -7.40 54.27
CA ALA A 21 -43.63 -7.30 52.88
C ALA A 21 -42.78 -6.05 52.64
N ASN A 22 -43.18 -4.92 53.20
CA ASN A 22 -42.40 -3.69 53.06
C ASN A 22 -41.03 -3.82 53.70
N LEU A 23 -40.93 -4.57 54.79
CA LEU A 23 -39.64 -4.80 55.44
C LEU A 23 -38.69 -5.59 54.54
N SER A 24 -39.20 -6.58 53.82
CA SER A 24 -38.38 -7.35 52.91
C SER A 24 -37.83 -6.48 51.79
N LYS A 25 -38.64 -5.55 51.27
CA LYS A 25 -38.19 -4.69 50.19
C LYS A 25 -37.09 -3.75 50.65
N ASP A 26 -37.16 -3.27 51.90
CA ASP A 26 -36.09 -2.43 52.43
C ASP A 26 -34.79 -3.21 52.61
N ILE A 27 -34.89 -4.49 52.98
CA ILE A 27 -33.71 -5.33 53.11
C ILE A 27 -33.01 -5.49 51.77
N GLU A 28 -33.78 -5.72 50.72
CA GLU A 28 -33.21 -5.92 49.39
C GLU A 28 -32.47 -4.68 48.90
N LYS A 29 -33.01 -3.49 49.19
CA LYS A 29 -32.32 -2.27 48.79
C LYS A 29 -31.05 -2.05 49.61
N LEU A 30 -31.02 -2.50 50.86
CA LEU A 30 -29.85 -2.27 51.70
C LEU A 30 -28.78 -3.33 51.48
N SER A 31 -29.18 -4.57 51.22
CA SER A 31 -28.22 -5.65 51.07
C SER A 31 -27.44 -5.54 49.76
N SER A 32 -28.12 -5.12 48.68
CA SER A 32 -27.47 -5.05 47.37
C SER A 32 -26.92 -3.67 47.05
N GLY A 33 -27.44 -2.62 47.67
CA GLY A 33 -27.00 -1.28 47.34
C GLY A 33 -27.64 -0.67 46.11
N MET A 34 -28.73 -1.24 45.63
CA MET A 34 -29.41 -0.74 44.44
C MET A 34 -30.86 -0.41 44.76
N ARG A 35 -31.31 0.74 44.24
CA ARG A 35 -32.67 1.20 44.48
C ARG A 35 -33.70 0.36 43.73
N ILE A 36 -33.32 -0.14 42.55
CA ILE A 36 -34.20 -0.96 41.72
C ILE A 36 -33.57 -2.34 41.56
N ASN A 37 -34.26 -3.36 42.05
CA ASN A 37 -33.81 -4.74 41.92
C ASN A 37 -34.78 -5.61 41.14
N LYS A 38 -36.00 -5.15 40.91
CA LYS A 38 -36.99 -5.86 40.12
C LYS A 38 -37.67 -4.87 39.19
N ALA A 39 -38.21 -5.39 38.08
CA ALA A 39 -38.90 -4.52 37.13
C ALA A 39 -40.11 -3.85 37.75
N GLY A 40 -40.70 -4.46 38.78
CA GLY A 40 -41.88 -3.88 39.40
C GLY A 40 -41.60 -2.60 40.17
N ASP A 41 -40.35 -2.39 40.59
CA ASP A 41 -40.01 -1.20 41.36
C ASP A 41 -40.20 0.06 40.54
N ASP A 42 -39.46 0.19 39.43
CA ASP A 42 -39.56 1.38 38.57
C ASP A 42 -39.12 0.97 37.17
N ALA A 43 -40.09 0.77 36.28
CA ALA A 43 -39.80 0.19 34.97
C ALA A 43 -38.98 1.13 34.10
N SER A 44 -39.39 2.40 34.00
CA SER A 44 -38.65 3.35 33.19
C SER A 44 -37.27 3.60 33.76
N GLY A 45 -37.16 3.69 35.09
CA GLY A 45 -35.86 3.87 35.71
C GLY A 45 -34.94 2.70 35.44
N LEU A 46 -35.47 1.48 35.53
CA LEU A 46 -34.67 0.31 35.20
C LEU A 46 -34.27 0.32 33.73
N ALA A 47 -35.17 0.73 32.84
CA ALA A 47 -34.86 0.78 31.41
C ALA A 47 -33.76 1.78 31.13
N VAL A 48 -33.89 3.00 31.65
CA VAL A 48 -32.88 4.03 31.42
C VAL A 48 -31.56 3.63 32.07
N SER A 49 -31.62 3.04 33.27
CA SER A 49 -30.40 2.63 33.95
C SER A 49 -29.65 1.56 33.17
N GLU A 50 -30.36 0.56 32.63
CA GLU A 50 -29.70 -0.49 31.87
C GLU A 50 -29.14 0.04 30.55
N LYS A 51 -29.82 0.99 29.93
CA LYS A 51 -29.27 1.62 28.73
C LYS A 51 -27.99 2.37 29.06
N MET A 52 -27.99 3.13 30.16
CA MET A 52 -26.77 3.82 30.57
C MET A 52 -25.67 2.83 30.93
N ARG A 53 -26.04 1.67 31.48
CA ARG A 53 -25.04 0.65 31.78
C ARG A 53 -24.41 0.12 30.50
N THR A 54 -25.21 -0.06 29.45
CA THR A 54 -24.63 -0.43 28.16
C THR A 54 -23.72 0.67 27.64
N GLN A 55 -24.13 1.94 27.79
CA GLN A 55 -23.28 3.05 27.37
C GLN A 55 -21.98 3.09 28.17
N ILE A 56 -22.07 2.89 29.50
CA ILE A 56 -20.89 2.98 30.35
C ILE A 56 -19.89 1.89 30.00
N ALA A 57 -20.36 0.66 29.82
CA ALA A 57 -19.45 -0.42 29.41
C ALA A 57 -18.90 -0.16 28.02
N GLY A 58 -19.69 0.44 27.13
CA GLY A 58 -19.18 0.78 25.82
C GLY A 58 -18.12 1.86 25.85
N LEU A 59 -18.29 2.86 26.72
CA LEU A 59 -17.38 4.01 26.73
C LEU A 59 -15.99 3.64 27.24
N ARG A 60 -15.89 2.69 28.17
CA ARG A 60 -14.57 2.16 28.53
C ARG A 60 -13.97 1.35 27.39
N ARG A 61 -14.76 0.50 26.75
CA ARG A 61 -14.26 -0.28 25.63
C ARG A 61 -13.82 0.64 24.49
N ALA A 62 -14.64 1.65 24.18
CA ALA A 62 -14.26 2.59 23.13
C ALA A 62 -12.99 3.34 23.50
N GLU A 63 -12.84 3.69 24.78
CA GLU A 63 -11.61 4.33 25.22
C GLU A 63 -10.42 3.40 25.10
N GLN A 64 -10.60 2.12 25.46
CA GLN A 64 -9.53 1.15 25.29
C GLN A 64 -9.17 0.97 23.81
N ASN A 65 -10.17 1.02 22.94
CA ASN A 65 -9.90 0.99 21.50
C ASN A 65 -9.07 2.20 21.07
N THR A 66 -9.34 3.36 21.66
CA THR A 66 -8.62 4.57 21.28
C THR A 66 -7.16 4.51 21.72
N GLU A 67 -6.88 3.96 22.90
CA GLU A 67 -5.49 3.77 23.33
C GLU A 67 -4.77 2.79 22.42
N ASP A 68 -5.43 1.70 22.05
CA ASP A 68 -4.83 0.74 21.14
C ASP A 68 -4.57 1.34 19.77
N GLY A 69 -5.47 2.21 19.32
CA GLY A 69 -5.23 2.94 18.09
C GLY A 69 -4.02 3.85 18.16
N MET A 70 -3.87 4.57 19.28
CA MET A 70 -2.70 5.42 19.46
C MET A 70 -1.41 4.60 19.54
N SER A 71 -1.49 3.37 20.03
CA SER A 71 -0.32 2.49 20.01
C SER A 71 0.09 2.15 18.59
N LEU A 72 -0.89 1.88 17.73
CA LEU A 72 -0.58 1.57 16.33
C LEU A 72 0.07 2.77 15.63
N ILE A 73 -0.54 3.96 15.77
CA ILE A 73 -0.02 5.15 15.12
C ILE A 73 1.38 5.47 15.62
N GLN A 74 1.59 5.36 16.93
CA GLN A 74 2.91 5.59 17.51
C GLN A 74 3.92 4.57 17.02
N THR A 75 3.49 3.32 16.85
CA THR A 75 4.38 2.29 16.30
C THR A 75 4.78 2.61 14.86
N ALA A 76 3.84 3.08 14.04
CA ALA A 76 4.16 3.42 12.66
C ALA A 76 5.15 4.57 12.58
N GLU A 77 4.96 5.60 13.41
CA GLU A 77 5.86 6.75 13.38
C GLU A 77 7.24 6.41 13.91
N GLY A 78 7.37 5.37 14.73
CA GLY A 78 8.68 4.92 15.17
C GLY A 78 9.50 4.35 14.02
N TYR A 79 8.87 3.60 13.12
CA TYR A 79 9.59 3.02 12.00
C TYR A 79 10.06 4.09 11.03
N LEU A 80 9.22 5.09 10.77
CA LEU A 80 9.59 6.15 9.84
C LEU A 80 10.76 6.97 10.34
N GLN A 81 11.02 6.96 11.65
CA GLN A 81 12.17 7.67 12.20
C GLN A 81 13.47 7.11 11.64
N GLU A 82 13.57 5.79 11.50
CA GLU A 82 14.77 5.19 10.95
C GLU A 82 14.89 5.46 9.45
N THR A 83 13.77 5.49 8.73
CA THR A 83 13.80 5.80 7.31
C THR A 83 14.28 7.22 7.06
N HIS A 84 13.87 8.16 7.91
CA HIS A 84 14.29 9.55 7.73
C HIS A 84 15.79 9.71 7.90
N GLU A 85 16.38 9.02 8.89
CA GLU A 85 17.81 9.15 9.13
C GLU A 85 18.65 8.47 8.07
N ILE A 86 18.12 7.44 7.41
CA ILE A 86 18.85 6.80 6.32
C ILE A 86 18.90 7.72 5.10
N VAL A 87 17.79 8.38 4.78
CA VAL A 87 17.79 9.27 3.62
C VAL A 87 18.64 10.50 3.90
N GLN A 88 18.69 10.96 5.14
CA GLN A 88 19.61 12.04 5.49
C GLN A 88 21.07 11.62 5.29
N ARG A 89 21.39 10.37 5.64
CA ARG A 89 22.74 9.88 5.41
C ARG A 89 23.06 9.80 3.92
N VAL A 90 22.09 9.33 3.11
CA VAL A 90 22.28 9.28 1.66
C VAL A 90 22.43 10.68 1.10
N ARG A 91 21.68 11.64 1.65
CA ARG A 91 21.73 13.01 1.17
C ARG A 91 23.10 13.64 1.40
N VAL A 92 23.70 13.39 2.57
CA VAL A 92 25.04 13.95 2.84
C VAL A 92 26.11 13.22 2.03
N LEU A 93 25.90 11.94 1.72
CA LEU A 93 26.84 11.24 0.85
C LEU A 93 26.81 11.79 -0.57
N ALA A 94 25.61 12.16 -1.05
CA ALA A 94 25.48 12.69 -2.40
C ALA A 94 26.21 14.02 -2.55
N VAL A 95 26.21 14.84 -1.50
CA VAL A 95 26.94 16.10 -1.54
C VAL A 95 28.44 15.85 -1.65
N GLN A 96 28.95 14.92 -0.84
CA GLN A 96 30.37 14.60 -0.92
C GLN A 96 30.73 13.98 -2.26
N ALA A 97 29.87 13.10 -2.78
CA ALA A 97 30.19 12.41 -4.03
C ALA A 97 30.18 13.35 -5.23
N ALA A 98 29.40 14.43 -5.17
CA ALA A 98 29.31 15.37 -6.27
C ALA A 98 30.56 16.23 -6.44
N ASN A 99 31.45 16.24 -5.46
CA ASN A 99 32.69 16.99 -5.59
C ASN A 99 33.60 16.37 -6.64
N GLY A 100 34.30 17.21 -7.38
CA GLY A 100 35.11 16.75 -8.49
C GLY A 100 36.50 16.22 -8.14
N ILE A 101 36.90 16.31 -6.86
CA ILE A 101 38.22 15.81 -6.48
C ILE A 101 38.28 14.29 -6.39
N TYR A 102 37.14 13.61 -6.47
CA TYR A 102 37.08 12.17 -6.31
C TYR A 102 37.23 11.47 -7.66
N SER A 103 37.68 10.23 -7.60
CA SER A 103 37.83 9.37 -8.76
C SER A 103 36.70 8.33 -8.77
N GLU A 104 36.75 7.44 -9.77
CA GLU A 104 35.71 6.44 -9.91
C GLU A 104 35.70 5.48 -8.72
N GLU A 105 36.87 5.10 -8.22
CA GLU A 105 36.94 4.13 -7.14
C GLU A 105 36.34 4.68 -5.85
N ASP A 106 36.62 5.94 -5.52
CA ASP A 106 36.04 6.55 -4.33
C ASP A 106 34.52 6.63 -4.43
N ARG A 107 34.01 6.99 -5.61
CA ARG A 107 32.57 7.05 -5.78
C ARG A 107 31.93 5.68 -5.70
N GLN A 108 32.61 4.64 -6.20
CA GLN A 108 32.08 3.29 -6.02
C GLN A 108 32.08 2.89 -4.55
N GLN A 109 33.09 3.34 -3.80
CA GLN A 109 33.10 3.06 -2.36
C GLN A 109 31.94 3.74 -1.66
N ILE A 110 31.55 4.93 -2.11
CA ILE A 110 30.35 5.58 -1.59
C ILE A 110 29.09 4.80 -1.99
N GLN A 111 29.02 4.36 -3.25
CA GLN A 111 27.87 3.59 -3.71
C GLN A 111 27.74 2.28 -2.94
N VAL A 112 28.84 1.76 -2.42
CA VAL A 112 28.80 0.54 -1.61
C VAL A 112 27.90 0.75 -0.39
N GLU A 113 28.08 1.88 0.31
CA GLU A 113 27.20 2.19 1.43
C GLU A 113 25.79 2.52 0.95
N VAL A 114 25.68 3.17 -0.20
CA VAL A 114 24.36 3.53 -0.72
C VAL A 114 23.51 2.28 -0.92
N SER A 115 24.09 1.22 -1.46
CA SER A 115 23.34 -0.01 -1.70
C SER A 115 22.81 -0.60 -0.39
N GLN A 116 23.65 -0.62 0.65
CA GLN A 116 23.21 -1.11 1.94
C GLN A 116 22.08 -0.26 2.51
N LEU A 117 22.20 1.06 2.40
CA LEU A 117 21.18 1.95 2.96
C LEU A 117 19.84 1.81 2.22
N VAL A 118 19.88 1.66 0.90
CA VAL A 118 18.67 1.42 0.13
C VAL A 118 18.03 0.10 0.54
N ASP A 119 18.85 -0.94 0.72
CA ASP A 119 18.32 -2.23 1.16
C ASP A 119 17.71 -2.12 2.54
N GLU A 120 18.29 -1.32 3.43
CA GLU A 120 17.71 -1.15 4.75
C GLU A 120 16.38 -0.41 4.69
N ILE A 121 16.25 0.58 3.78
CA ILE A 121 14.97 1.23 3.59
C ILE A 121 13.91 0.20 3.17
N ASP A 122 14.25 -0.65 2.21
CA ASP A 122 13.30 -1.67 1.75
C ASP A 122 12.96 -2.64 2.86
N ARG A 123 13.95 -3.06 3.65
CA ARG A 123 13.68 -3.98 4.76
C ARG A 123 12.75 -3.37 5.79
N ILE A 124 12.98 -2.10 6.14
CA ILE A 124 12.07 -1.42 7.08
C ILE A 124 10.66 -1.42 6.52
N ALA A 125 10.51 -1.05 5.24
CA ALA A 125 9.18 -1.02 4.65
C ALA A 125 8.51 -2.39 4.71
N SER A 126 9.26 -3.45 4.40
CA SER A 126 8.69 -4.79 4.37
C SER A 126 8.31 -5.30 5.76
N GLN A 127 9.10 -5.00 6.80
CA GLN A 127 8.97 -5.70 8.06
C GLN A 127 8.28 -4.92 9.16
N ALA A 128 7.95 -3.65 8.95
CA ALA A 128 7.23 -2.87 9.96
C ALA A 128 5.84 -3.45 10.18
N GLU A 129 5.45 -3.58 11.44
CA GLU A 129 4.27 -4.39 11.77
C GLU A 129 3.69 -3.96 13.10
N PHE A 130 2.35 -4.03 13.20
CA PHE A 130 1.63 -3.94 14.46
C PHE A 130 0.65 -5.11 14.52
N ASN A 131 0.83 -6.00 15.50
CA ASN A 131 -0.02 -7.18 15.68
C ASN A 131 -0.11 -8.00 14.39
N LYS A 132 1.04 -8.32 13.81
CA LYS A 132 1.16 -9.14 12.60
C LYS A 132 0.50 -8.49 11.39
N MET A 133 0.38 -7.15 11.39
CA MET A 133 -0.20 -6.42 10.28
C MET A 133 0.84 -5.46 9.72
N LYS A 134 1.17 -5.62 8.44
CA LYS A 134 2.12 -4.72 7.80
C LYS A 134 1.52 -3.33 7.64
N LEU A 135 2.37 -2.31 7.82
CA LEU A 135 1.90 -0.94 7.84
C LEU A 135 2.42 -0.06 6.71
N LEU A 136 3.64 -0.27 6.22
CA LEU A 136 4.28 0.67 5.30
C LEU A 136 4.35 0.14 3.87
N THR A 137 3.72 -1.00 3.60
CA THR A 137 3.74 -1.59 2.26
C THR A 137 2.73 -0.96 1.32
N GLY A 138 1.66 -0.37 1.84
CA GLY A 138 0.64 0.25 1.03
C GLY A 138 -0.75 -0.33 1.17
N ALA A 139 -0.95 -1.29 2.09
CA ALA A 139 -2.25 -1.92 2.22
C ALA A 139 -3.31 -0.95 2.70
N PHE A 140 -2.92 0.10 3.43
CA PHE A 140 -3.87 1.06 3.99
C PHE A 140 -3.82 2.41 3.29
N ALA A 141 -3.23 2.48 2.10
CA ALA A 141 -3.12 3.73 1.37
C ALA A 141 -4.49 4.15 0.84
N ARG A 142 -4.58 5.42 0.44
CA ARG A 142 -5.84 5.95 -0.06
C ARG A 142 -6.14 5.45 -1.47
N LEU A 143 -5.13 5.34 -2.32
CA LEU A 143 -5.30 4.94 -3.70
C LEU A 143 -4.95 3.47 -3.88
N ASN A 144 -5.85 2.73 -4.50
CA ASN A 144 -5.72 1.28 -4.71
C ASN A 144 -5.35 0.52 -3.42
N PRO A 145 -6.17 0.63 -2.38
CA PRO A 145 -5.89 -0.13 -1.16
C PRO A 145 -6.30 -1.59 -1.30
N THR A 146 -5.64 -2.43 -0.50
CA THR A 146 -6.08 -3.79 -0.29
C THR A 146 -6.78 -3.97 1.05
N ALA A 147 -6.79 -2.95 1.89
CA ALA A 147 -7.44 -3.02 3.20
C ALA A 147 -7.74 -1.60 3.64
N SER A 148 -8.65 -1.50 4.61
CA SER A 148 -8.97 -0.23 5.24
C SER A 148 -8.75 -0.35 6.73
N MET A 149 -8.29 0.72 7.36
CA MET A 149 -8.01 0.72 8.79
C MET A 149 -8.99 1.67 9.47
N TRP A 150 -9.91 1.12 10.26
CA TRP A 150 -10.92 1.88 10.97
C TRP A 150 -10.74 1.70 12.46
N PHE A 151 -10.78 2.81 13.19
CA PHE A 151 -10.74 2.79 14.65
C PHE A 151 -12.15 3.08 15.16
N HIS A 152 -12.71 2.15 15.92
CA HIS A 152 -14.02 2.35 16.51
C HIS A 152 -13.84 3.07 17.84
N ILE A 153 -14.14 4.36 17.85
CA ILE A 153 -13.87 5.21 19.00
C ILE A 153 -15.15 5.66 19.69
N GLY A 154 -16.27 4.99 19.42
CA GLY A 154 -17.52 5.29 20.06
C GLY A 154 -18.14 4.04 20.66
N ALA A 155 -19.24 4.23 21.36
CA ALA A 155 -19.96 3.14 21.99
C ALA A 155 -21.15 2.65 21.17
N ASN A 156 -21.35 3.18 19.96
CA ASN A 156 -22.52 2.86 19.15
C ASN A 156 -22.08 2.44 17.75
N MET A 157 -23.07 2.20 16.89
CA MET A 157 -22.87 1.34 15.72
C MET A 157 -21.84 1.91 14.73
N HIS A 158 -22.02 3.17 14.31
CA HIS A 158 -21.23 3.70 13.19
C HIS A 158 -20.22 4.75 13.62
N GLN A 159 -19.74 4.70 14.88
CA GLN A 159 -18.83 5.73 15.39
C GLN A 159 -17.39 5.26 15.19
N ARG A 160 -16.90 5.44 13.97
CA ARG A 160 -15.59 4.93 13.56
C ARG A 160 -14.90 5.93 12.64
N GLU A 161 -13.57 5.98 12.73
CA GLU A 161 -12.77 6.91 11.95
C GLU A 161 -11.72 6.14 11.16
N ARG A 162 -11.42 6.65 9.95
CA ARG A 162 -10.51 5.99 9.04
C ARG A 162 -9.12 6.62 9.13
N VAL A 163 -8.09 5.77 9.01
CA VAL A 163 -6.70 6.22 9.01
C VAL A 163 -6.02 5.65 7.78
N TYR A 164 -5.29 6.50 7.05
CA TYR A 164 -4.55 6.09 5.86
C TYR A 164 -3.06 6.12 6.15
N ILE A 165 -2.34 5.11 5.65
CA ILE A 165 -0.88 5.09 5.66
C ILE A 165 -0.40 4.74 4.27
N GLU A 166 0.51 5.53 3.73
CA GLU A 166 0.95 5.36 2.35
C GLU A 166 2.22 4.50 2.26
N THR A 167 2.49 4.03 1.05
CA THR A 167 3.66 3.19 0.79
C THR A 167 4.94 3.95 1.11
N MET A 168 5.87 3.27 1.79
CA MET A 168 7.11 3.89 2.23
C MET A 168 8.32 3.04 1.88
N ASN A 169 8.38 2.54 0.65
CA ASN A 169 9.58 1.85 0.18
C ASN A 169 10.35 2.75 -0.79
N THR A 170 11.42 2.21 -1.36
CA THR A 170 12.28 3.01 -2.23
C THR A 170 11.55 3.45 -3.49
N ALA A 171 10.73 2.57 -4.07
CA ALA A 171 9.97 2.95 -5.26
C ALA A 171 9.01 4.10 -4.97
N ALA A 172 8.32 4.04 -3.83
CA ALA A 172 7.41 5.11 -3.46
C ALA A 172 8.12 6.40 -3.09
N LEU A 173 9.39 6.32 -2.69
CA LEU A 173 10.15 7.50 -2.29
C LEU A 173 10.88 8.15 -3.45
N GLY A 174 10.72 7.64 -4.67
CA GLY A 174 11.42 8.16 -5.82
C GLY A 174 12.85 7.70 -5.97
N LEU A 175 13.32 6.83 -5.07
CA LEU A 175 14.70 6.38 -5.08
C LEU A 175 14.92 5.12 -5.90
N ARG A 176 13.86 4.54 -6.46
CA ARG A 176 13.97 3.36 -7.29
C ARG A 176 12.92 3.42 -8.40
N ASN A 177 13.30 3.03 -9.60
CA ASN A 177 12.37 2.98 -10.71
C ASN A 177 11.34 1.89 -10.48
N PRO A 178 10.04 2.20 -10.45
CA PRO A 178 9.03 1.17 -10.16
C PRO A 178 8.70 0.25 -11.33
N THR A 179 9.27 0.50 -12.51
CA THR A 179 9.12 -0.40 -13.64
C THR A 179 10.38 -1.20 -13.94
N VAL A 180 11.55 -0.56 -13.89
CA VAL A 180 12.81 -1.24 -14.16
C VAL A 180 13.44 -1.84 -12.90
N LEU A 181 13.09 -1.33 -11.72
CA LEU A 181 13.62 -1.79 -10.44
C LEU A 181 15.12 -1.48 -10.29
N THR A 182 15.59 -0.41 -10.92
CA THR A 182 16.91 0.13 -10.68
C THR A 182 16.80 1.34 -9.75
N PHE A 183 17.83 1.55 -8.94
CA PHE A 183 17.79 2.59 -7.93
C PHE A 183 18.94 3.58 -8.12
N ILE A 184 18.96 4.60 -7.25
CA ILE A 184 19.89 5.71 -7.40
C ILE A 184 21.33 5.23 -7.32
N SER A 185 22.20 5.91 -8.06
CA SER A 185 23.63 5.65 -8.02
C SER A 185 24.39 6.94 -7.80
N LEU A 186 25.39 6.89 -6.93
CA LEU A 186 26.29 8.00 -6.67
C LEU A 186 27.66 7.81 -7.31
N SER A 187 27.79 6.81 -8.19
CA SER A 187 29.09 6.45 -8.73
C SER A 187 29.64 7.48 -9.72
N THR A 188 28.85 8.48 -10.10
CA THR A 188 29.27 9.54 -10.99
C THR A 188 28.91 10.88 -10.39
N ALA A 189 29.77 11.88 -10.61
CA ALA A 189 29.53 13.21 -10.04
C ALA A 189 28.23 13.81 -10.56
N GLY A 190 27.94 13.63 -11.85
CA GLY A 190 26.68 14.13 -12.39
C GLY A 190 25.46 13.44 -11.80
N LYS A 191 25.53 12.13 -11.62
CA LYS A 191 24.43 11.40 -10.99
C LYS A 191 24.32 11.74 -9.51
N ALA A 192 25.46 11.96 -8.84
CA ALA A 192 25.42 12.37 -7.45
C ALA A 192 24.72 13.71 -7.28
N ASN A 193 24.89 14.62 -8.25
CA ASN A 193 24.22 15.91 -8.21
C ASN A 193 22.70 15.74 -8.32
N SER A 194 22.25 14.86 -9.21
CA SER A 194 20.81 14.64 -9.36
C SER A 194 20.19 13.98 -8.13
N VAL A 195 20.97 13.20 -7.39
CA VAL A 195 20.44 12.52 -6.22
C VAL A 195 20.14 13.51 -5.11
N ILE A 196 20.90 14.61 -5.02
CA ILE A 196 20.66 15.61 -3.98
C ILE A 196 19.23 16.10 -4.06
N GLY A 197 18.75 16.40 -5.27
CA GLY A 197 17.35 16.76 -5.44
C GLY A 197 16.40 15.62 -5.16
N LEU A 198 16.79 14.39 -5.52
CA LEU A 198 15.93 13.25 -5.28
C LEU A 198 15.78 12.98 -3.79
N CYS A 199 16.87 13.09 -3.03
CA CYS A 199 16.81 12.89 -1.59
C CYS A 199 15.92 13.93 -0.92
N ASP A 200 15.97 15.18 -1.40
CA ASP A 200 15.10 16.22 -0.86
C ASP A 200 13.63 15.88 -1.05
N ASP A 201 13.26 15.38 -2.22
CA ASP A 201 11.88 14.96 -2.43
C ASP A 201 11.51 13.78 -1.55
N ALA A 202 12.42 12.82 -1.39
CA ALA A 202 12.15 11.69 -0.50
C ALA A 202 11.99 12.15 0.95
N LEU A 203 12.83 13.08 1.40
CA LEU A 203 12.68 13.62 2.73
C LEU A 203 11.36 14.36 2.89
N ARG A 204 10.93 15.04 1.82
CA ARG A 204 9.63 15.72 1.86
C ARG A 204 8.48 14.73 1.99
N VAL A 205 8.56 13.59 1.31
CA VAL A 205 7.47 12.61 1.39
C VAL A 205 7.45 11.95 2.76
N ILE A 206 8.61 11.65 3.33
CA ILE A 206 8.67 11.11 4.68
C ILE A 206 8.15 12.14 5.69
N SER A 207 8.56 13.40 5.53
CA SER A 207 8.13 14.45 6.46
C SER A 207 6.62 14.64 6.43
N LYS A 208 6.02 14.56 5.24
CA LYS A 208 4.58 14.68 5.13
C LYS A 208 3.86 13.52 5.79
N GLN A 209 4.42 12.31 5.69
CA GLN A 209 3.78 11.13 6.27
C GLN A 209 3.86 11.15 7.79
N ARG A 210 4.96 11.66 8.35
CA ARG A 210 5.06 11.80 9.80
C ARG A 210 4.07 12.83 10.32
N ALA A 211 3.86 13.91 9.56
CA ALA A 211 2.90 14.94 9.95
C ALA A 211 1.47 14.40 9.91
N ASP A 212 1.16 13.49 8.99
CA ASP A 212 -0.16 12.88 8.96
C ASP A 212 -0.38 12.04 10.21
N LEU A 213 0.59 11.18 10.55
CA LEU A 213 0.45 10.32 11.72
C LEU A 213 0.40 11.14 12.99
N GLY A 214 1.19 12.20 13.06
CA GLY A 214 1.10 13.10 14.20
C GLY A 214 -0.27 13.72 14.35
N ALA A 215 -0.90 14.08 13.23
CA ALA A 215 -2.26 14.62 13.28
C ALA A 215 -3.25 13.57 13.79
N TYR A 216 -3.16 12.33 13.29
CA TYR A 216 -4.03 11.27 13.77
C TYR A 216 -3.86 11.07 15.27
N TYR A 217 -2.60 11.05 15.73
CA TYR A 217 -2.33 10.82 17.15
C TYR A 217 -2.94 11.92 18.02
N ASN A 218 -2.78 13.19 17.61
CA ASN A 218 -3.31 14.28 18.41
C ASN A 218 -4.83 14.21 18.50
N ARG A 219 -5.48 13.85 17.39
CA ARG A 219 -6.93 13.74 17.39
C ARG A 219 -7.42 12.65 18.34
N MET A 220 -6.75 11.49 18.36
CA MET A 220 -7.18 10.42 19.25
C MET A 220 -6.94 10.76 20.72
N GLU A 221 -5.96 11.59 21.02
CA GLU A 221 -5.78 12.06 22.39
C GLU A 221 -6.98 12.90 22.85
N HIS A 222 -7.46 13.80 21.98
CA HIS A 222 -8.64 14.58 22.31
C HIS A 222 -9.87 13.70 22.50
N ALA A 223 -10.04 12.68 21.65
CA ALA A 223 -11.19 11.80 21.78
C ALA A 223 -11.09 10.93 23.03
N ALA A 224 -9.88 10.44 23.35
CA ALA A 224 -9.71 9.65 24.56
C ALA A 224 -10.06 10.45 25.80
N LYS A 225 -9.66 11.72 25.84
CA LYS A 225 -10.00 12.56 26.98
C LYS A 225 -11.50 12.78 27.08
N GLY A 226 -12.16 13.03 25.95
CA GLY A 226 -13.60 13.17 25.95
C GLY A 226 -14.32 11.89 26.34
N LEU A 227 -13.80 10.75 25.90
CA LEU A 227 -14.39 9.47 26.27
C LEU A 227 -14.34 9.26 27.78
N MET A 228 -13.22 9.63 28.41
CA MET A 228 -13.13 9.58 29.86
C MET A 228 -14.12 10.55 30.51
N ASN A 229 -14.27 11.75 29.95
CA ASN A 229 -15.24 12.71 30.46
C ASN A 229 -16.66 12.21 30.31
N ALA A 230 -16.99 11.61 29.16
CA ALA A 230 -18.34 11.10 28.95
C ALA A 230 -18.67 9.95 29.90
N TYR A 231 -17.69 9.07 30.16
CA TYR A 231 -17.91 7.99 31.11
C TYR A 231 -18.20 8.50 32.52
N GLU A 232 -17.48 9.53 32.97
CA GLU A 232 -17.73 10.08 34.29
C GLU A 232 -19.15 10.64 34.41
N ASN A 233 -19.59 11.38 33.40
CA ASN A 233 -20.93 11.97 33.42
C ASN A 233 -22.01 10.90 33.35
N THR A 234 -21.82 9.88 32.51
CA THR A 234 -22.83 8.83 32.39
C THR A 234 -22.94 8.00 33.67
N GLN A 235 -21.81 7.72 34.31
CA GLN A 235 -21.86 6.94 35.55
C GLN A 235 -22.53 7.75 36.67
N ALA A 236 -22.29 9.06 36.71
CA ALA A 236 -23.01 9.90 37.66
C ALA A 236 -24.51 9.84 37.42
N SER A 237 -24.93 9.89 36.15
CA SER A 237 -26.36 9.80 35.83
C SER A 237 -26.94 8.45 36.21
N GLU A 238 -26.22 7.36 35.92
CA GLU A 238 -26.72 6.02 36.23
C GLU A 238 -26.77 5.80 37.74
N SER A 239 -25.82 6.36 38.47
CA SER A 239 -25.82 6.21 39.92
C SER A 239 -27.01 6.89 40.56
N ARG A 240 -27.37 8.10 40.09
CA ARG A 240 -28.49 8.82 40.68
C ARG A 240 -29.81 8.08 40.49
N ILE A 241 -29.95 7.34 39.41
CA ILE A 241 -31.20 6.64 39.12
C ILE A 241 -31.25 5.28 39.83
N ARG A 242 -30.17 4.51 39.80
CA ARG A 242 -30.19 3.11 40.20
C ARG A 242 -29.74 2.87 41.63
N ASP A 243 -28.78 3.63 42.15
CA ASP A 243 -28.22 3.35 43.46
C ASP A 243 -29.08 3.95 44.56
N THR A 244 -29.26 3.18 45.63
CA THR A 244 -30.08 3.63 46.75
C THR A 244 -29.24 4.44 47.75
N ASP A 245 -29.90 5.39 48.39
CA ASP A 245 -29.30 6.21 49.43
C ASP A 245 -29.38 5.44 50.74
N MET A 246 -28.22 5.02 51.26
CA MET A 246 -28.19 4.13 52.41
C MET A 246 -28.81 4.79 53.64
N ALA A 247 -28.46 6.06 53.89
CA ALA A 247 -28.96 6.74 55.08
C ALA A 247 -30.48 6.88 55.03
N GLU A 248 -31.01 7.30 53.89
CA GLU A 248 -32.46 7.42 53.73
C GLU A 248 -33.15 6.07 53.82
N GLN A 249 -32.53 5.03 53.25
CA GLN A 249 -33.15 3.71 53.24
C GLN A 249 -33.14 3.06 54.61
N MET A 250 -32.11 3.34 55.42
CA MET A 250 -32.06 2.80 56.77
C MET A 250 -33.14 3.39 57.66
N THR A 251 -33.55 4.64 57.42
CA THR A 251 -34.69 5.20 58.13
C THR A 251 -35.97 4.44 57.80
N SER A 252 -36.17 4.11 56.53
CA SER A 252 -37.34 3.35 56.13
C SER A 252 -37.35 1.97 56.76
N PHE A 253 -36.18 1.32 56.84
CA PHE A 253 -36.09 0.00 57.44
C PHE A 253 -36.48 0.04 58.91
N THR A 254 -36.05 1.06 59.64
CA THR A 254 -36.36 1.19 61.05
C THR A 254 -37.85 1.50 61.28
N ARG A 255 -38.45 2.30 60.39
CA ARG A 255 -39.88 2.57 60.52
C ARG A 255 -40.71 1.30 60.37
N TYR A 256 -40.38 0.47 59.39
CA TYR A 256 -41.15 -0.74 59.18
C TYR A 256 -40.88 -1.78 60.25
N GLN A 257 -39.65 -1.83 60.76
CA GLN A 257 -39.33 -2.75 61.85
C GLN A 257 -40.12 -2.44 63.10
N ILE A 258 -40.25 -1.14 63.44
CA ILE A 258 -41.03 -0.76 64.60
C ILE A 258 -42.52 -1.02 64.36
N LEU A 259 -42.98 -0.81 63.12
CA LEU A 259 -44.37 -1.08 62.79
C LEU A 259 -44.71 -2.56 62.92
N THR A 260 -43.78 -3.43 62.53
CA THR A 260 -44.01 -4.87 62.68
C THR A 260 -44.10 -5.27 64.14
N GLN A 261 -43.28 -4.67 65.00
CA GLN A 261 -43.33 -4.97 66.44
C GLN A 261 -44.65 -4.49 67.06
N ALA A 262 -45.11 -3.30 66.68
CA ALA A 262 -46.35 -2.78 67.24
C ALA A 262 -47.54 -3.63 66.83
N ALA A 263 -47.62 -4.03 65.56
CA ALA A 263 -48.71 -4.87 65.10
C ALA A 263 -48.67 -6.25 65.73
N THR A 264 -47.47 -6.79 65.95
CA THR A 264 -47.34 -8.09 66.62
C THR A 264 -47.86 -8.03 68.05
N SER A 265 -47.55 -6.95 68.77
CA SER A 265 -48.04 -6.79 70.12
C SER A 265 -49.56 -6.71 70.14
N MET A 266 -50.16 -5.98 69.19
CA MET A 266 -51.60 -5.85 69.14
C MET A 266 -52.28 -7.16 68.82
N LEU A 267 -51.70 -7.96 67.93
CA LEU A 267 -52.28 -9.25 67.60
C LEU A 267 -52.38 -10.13 68.83
N ALA A 268 -51.35 -10.11 69.67
CA ALA A 268 -51.40 -10.85 70.93
C ALA A 268 -52.52 -10.36 71.82
N GLN A 269 -52.69 -9.04 71.91
CA GLN A 269 -53.77 -8.47 72.72
C GLN A 269 -55.13 -8.90 72.18
N ALA A 270 -55.28 -8.95 70.86
CA ALA A 270 -56.56 -9.30 70.26
C ALA A 270 -56.93 -10.75 70.55
N ASN A 271 -55.94 -11.64 70.62
CA ASN A 271 -56.23 -13.05 70.84
C ASN A 271 -56.73 -13.31 72.26
N MET A 272 -56.25 -12.54 73.24
CA MET A 272 -56.70 -12.72 74.61
C MET A 272 -58.04 -12.04 74.89
N LYS A 273 -58.50 -11.18 73.98
CA LYS A 273 -59.70 -10.40 74.23
C LYS A 273 -60.94 -11.27 74.44
N SER A 274 -61.07 -12.33 73.63
CA SER A 274 -62.28 -13.15 73.67
C SER A 274 -62.46 -13.88 74.99
N GLN A 275 -61.38 -14.11 75.73
CA GLN A 275 -61.46 -14.87 76.96
C GLN A 275 -62.24 -14.16 78.06
N SER A 276 -62.54 -12.87 77.90
CA SER A 276 -63.21 -12.13 78.96
C SER A 276 -64.61 -12.67 79.23
N VAL A 277 -65.37 -12.98 78.18
CA VAL A 277 -66.75 -13.46 78.36
C VAL A 277 -66.81 -14.91 78.78
N MET A 278 -65.68 -15.60 78.85
CA MET A 278 -65.69 -16.99 79.29
C MET A 278 -66.03 -17.11 80.77
N ARG A 279 -65.84 -16.05 81.54
CA ARG A 279 -66.23 -16.03 82.95
C ARG A 279 -67.73 -15.90 83.15
N LEU A 280 -68.49 -15.62 82.10
CA LEU A 280 -69.94 -15.57 82.21
C LEU A 280 -70.59 -16.95 82.16
N LEU A 281 -69.84 -17.99 81.88
CA LEU A 281 -70.35 -19.35 81.93
C LEU A 281 -69.83 -20.08 83.17
N LEU B 46 -5.24 -7.24 -32.77
CA LEU B 46 -4.33 -8.35 -33.05
C LEU B 46 -4.97 -9.39 -33.95
N VAL B 47 -6.10 -9.94 -33.52
CA VAL B 47 -6.81 -10.97 -34.28
C VAL B 47 -8.23 -10.46 -34.55
N PRO B 48 -8.77 -10.66 -35.75
CA PRO B 48 -10.17 -10.27 -36.00
C PRO B 48 -11.15 -11.33 -35.54
N GLU B 49 -11.97 -11.00 -34.56
CA GLU B 49 -12.97 -11.94 -34.05
C GLU B 49 -14.37 -11.56 -34.51
N LEU B 55 -18.18 -20.91 -38.69
CA LEU B 55 -19.08 -20.78 -39.83
C LEU B 55 -19.95 -22.03 -40.00
N THR B 56 -19.54 -23.11 -39.35
CA THR B 56 -20.29 -24.36 -39.41
C THR B 56 -21.61 -24.23 -38.66
N GLU B 57 -22.63 -24.92 -39.17
CA GLU B 57 -23.94 -24.89 -38.53
C GLU B 57 -23.90 -25.52 -37.14
N ASP B 58 -23.18 -26.62 -36.99
CA ASP B 58 -23.04 -27.26 -35.68
C ASP B 58 -22.34 -26.33 -34.69
N GLN B 59 -21.28 -25.65 -35.14
CA GLN B 59 -20.59 -24.70 -34.27
C GLN B 59 -21.50 -23.54 -33.90
N LYS B 60 -22.31 -23.06 -34.84
CA LYS B 60 -23.25 -21.99 -34.55
C LYS B 60 -24.28 -22.44 -33.51
N LYS B 61 -24.78 -23.67 -33.64
CA LYS B 61 -25.72 -24.19 -32.66
C LYS B 61 -25.07 -24.32 -31.28
N LYS B 62 -23.82 -24.79 -31.24
CA LYS B 62 -23.10 -24.89 -29.98
C LYS B 62 -22.94 -23.53 -29.33
N LYS B 63 -22.57 -22.52 -30.12
CA LYS B 63 -22.39 -21.18 -29.57
C LYS B 63 -23.74 -20.61 -29.09
N LYS B 64 -24.82 -20.90 -29.81
CA LYS B 64 -26.14 -20.45 -29.38
C LYS B 64 -26.52 -21.07 -28.04
N GLU B 65 -26.29 -22.37 -27.88
CA GLU B 65 -26.60 -23.00 -26.61
C GLU B 65 -25.69 -22.50 -25.49
N ILE B 66 -24.45 -22.12 -25.80
CA ILE B 66 -23.59 -21.54 -24.77
C ILE B 66 -24.10 -20.18 -24.31
N MET B 67 -24.53 -19.33 -25.25
CA MET B 67 -25.12 -18.06 -24.84
C MET B 67 -26.40 -18.26 -24.05
N GLU B 68 -27.22 -19.25 -24.44
CA GLU B 68 -28.44 -19.53 -23.68
C GLU B 68 -28.10 -19.98 -22.26
N GLN B 69 -27.08 -20.81 -22.10
CA GLN B 69 -26.65 -21.21 -20.76
C GLN B 69 -26.15 -20.01 -19.97
N GLU B 70 -25.39 -19.13 -20.61
CA GLU B 70 -24.86 -17.96 -19.90
C GLU B 70 -25.96 -16.99 -19.48
N SER B 71 -27.05 -16.91 -20.26
CA SER B 71 -28.15 -16.02 -19.88
C SER B 71 -28.82 -16.47 -18.58
N LEU B 72 -29.00 -17.78 -18.42
CA LEU B 72 -29.64 -18.29 -17.21
C LEU B 72 -28.81 -17.98 -15.97
N TRP B 73 -27.49 -18.14 -16.05
CA TRP B 73 -26.60 -17.92 -14.93
C TRP B 73 -26.00 -16.52 -14.94
N LYS B 74 -26.73 -15.54 -15.43
CA LYS B 74 -26.22 -14.18 -15.50
C LYS B 74 -26.08 -13.60 -14.09
N ASN B 75 -24.86 -13.20 -13.75
CA ASN B 75 -24.57 -12.65 -12.44
C ASN B 75 -23.34 -11.76 -12.53
N PRO B 76 -23.51 -10.46 -12.76
CA PRO B 76 -22.33 -9.58 -12.88
C PRO B 76 -21.51 -9.50 -11.61
N ASP B 77 -22.07 -9.84 -10.46
CA ASP B 77 -21.35 -9.81 -9.20
C ASP B 77 -20.60 -11.10 -8.90
N PHE B 78 -20.66 -12.08 -9.79
CA PHE B 78 -19.95 -13.34 -9.54
C PHE B 78 -18.45 -13.15 -9.63
N LYS B 79 -17.75 -13.66 -8.62
CA LYS B 79 -16.28 -13.69 -8.61
C LYS B 79 -15.86 -15.12 -8.33
N GLY B 80 -15.07 -15.69 -9.23
CA GLY B 80 -14.64 -17.08 -9.08
C GLY B 80 -13.62 -17.21 -7.97
N TYR B 81 -13.94 -18.01 -6.94
CA TYR B 81 -12.98 -18.28 -5.88
C TYR B 81 -11.76 -19.02 -6.43
N ASN B 82 -11.99 -20.04 -7.25
CA ASN B 82 -10.92 -20.69 -7.98
C ASN B 82 -10.64 -19.89 -9.24
N LYS B 83 -9.40 -19.45 -9.42
CA LYS B 83 -9.04 -18.56 -10.50
C LYS B 83 -8.71 -19.27 -11.80
N THR B 84 -8.56 -20.59 -11.78
CA THR B 84 -8.09 -21.32 -12.97
C THR B 84 -9.05 -21.16 -14.14
N PHE B 85 -10.35 -21.36 -13.89
CA PHE B 85 -11.33 -21.23 -14.96
C PHE B 85 -11.37 -19.81 -15.50
N GLN B 86 -11.32 -18.81 -14.60
CA GLN B 86 -11.25 -17.43 -15.04
C GLN B 86 -9.94 -17.15 -15.77
N GLU B 87 -8.84 -17.73 -15.29
CA GLU B 87 -7.54 -17.54 -15.94
C GLU B 87 -7.49 -18.17 -17.33
N LEU B 88 -8.41 -19.08 -17.63
CA LEU B 88 -8.51 -19.59 -19.00
C LEU B 88 -8.85 -18.49 -20.00
N HIS B 89 -9.37 -17.36 -19.53
CA HIS B 89 -9.66 -16.24 -20.42
C HIS B 89 -8.41 -15.64 -21.04
N GLN B 90 -7.23 -15.86 -20.42
CA GLN B 90 -6.00 -15.34 -20.98
C GLN B 90 -5.61 -16.02 -22.28
N LEU B 91 -6.24 -17.13 -22.63
CA LEU B 91 -6.05 -17.78 -23.93
C LEU B 91 -7.12 -17.38 -24.94
N SER B 92 -8.02 -16.47 -24.57
CA SER B 92 -9.09 -16.06 -25.46
C SER B 92 -8.60 -14.98 -26.43
N LYS B 93 -9.44 -14.70 -27.44
CA LYS B 93 -9.10 -13.68 -28.42
C LYS B 93 -9.27 -12.28 -27.83
N THR B 94 -10.30 -12.08 -27.00
CA THR B 94 -10.57 -10.75 -26.47
C THR B 94 -9.42 -10.28 -25.59
N PHE B 95 -8.90 -11.16 -24.73
CA PHE B 95 -7.77 -10.80 -23.88
C PHE B 95 -6.55 -10.47 -24.71
N ALA B 96 -6.30 -11.25 -25.76
CA ALA B 96 -5.16 -10.99 -26.64
C ALA B 96 -5.29 -9.64 -27.32
N ASN B 97 -6.49 -9.31 -27.80
CA ASN B 97 -6.70 -8.02 -28.45
C ASN B 97 -6.51 -6.86 -27.47
N ASN B 98 -7.01 -7.02 -26.24
CA ASN B 98 -6.83 -5.95 -25.26
C ASN B 98 -5.36 -5.75 -24.91
N GLN B 99 -4.63 -6.84 -24.69
CA GLN B 99 -3.21 -6.72 -24.38
C GLN B 99 -2.44 -6.14 -25.56
N PHE B 100 -2.80 -6.53 -26.78
CA PHE B 100 -2.17 -5.97 -27.96
C PHE B 100 -2.41 -4.47 -28.06
N ARG B 101 -3.63 -4.02 -27.78
CA ARG B 101 -3.92 -2.59 -27.86
C ARG B 101 -3.18 -1.82 -26.77
N LEU B 102 -3.09 -2.38 -25.56
CA LEU B 102 -2.34 -1.73 -24.50
C LEU B 102 -0.86 -1.59 -24.86
N ALA B 103 -0.27 -2.66 -25.40
CA ALA B 103 1.12 -2.61 -25.81
C ALA B 103 1.32 -1.62 -26.96
N LEU B 104 0.38 -1.57 -27.90
CA LEU B 104 0.46 -0.60 -28.99
C LEU B 104 0.42 0.83 -28.47
N SER B 105 -0.48 1.11 -27.52
CA SER B 105 -0.56 2.45 -26.95
C SER B 105 0.74 2.83 -26.27
N ASN B 106 1.31 1.92 -25.48
CA ASN B 106 2.58 2.21 -24.81
C ASN B 106 3.70 2.45 -25.82
N TYR B 107 3.74 1.64 -26.88
CA TYR B 107 4.78 1.78 -27.89
C TYR B 107 4.66 3.12 -28.63
N GLN B 108 3.44 3.52 -28.97
CA GLN B 108 3.25 4.82 -29.62
C GLN B 108 3.64 5.95 -28.68
N SER B 109 3.34 5.81 -27.39
CA SER B 109 3.77 6.82 -26.42
C SER B 109 5.30 6.96 -26.41
N GLY B 110 6.01 5.83 -26.39
CA GLY B 110 7.47 5.89 -26.39
C GLY B 110 8.05 6.49 -27.66
N VAL B 111 7.53 6.05 -28.81
CA VAL B 111 8.02 6.57 -30.08
C VAL B 111 7.74 8.07 -30.18
N ASN B 112 6.55 8.50 -29.75
CA ASN B 112 6.22 9.90 -29.73
C ASN B 112 7.17 10.67 -28.82
N THR B 113 7.51 10.10 -27.66
CA THR B 113 8.44 10.76 -26.76
C THR B 113 9.78 11.00 -27.44
N ILE B 114 10.31 9.99 -28.13
CA ILE B 114 11.58 10.14 -28.82
C ILE B 114 11.49 11.23 -29.90
N MET B 115 10.42 11.19 -30.69
CA MET B 115 10.28 12.15 -31.79
C MET B 115 10.13 13.58 -31.27
N LYS B 116 9.33 13.76 -30.20
CA LYS B 116 9.18 15.09 -29.62
C LYS B 116 10.49 15.58 -29.05
N ASN B 117 11.30 14.69 -28.47
CA ASN B 117 12.61 15.12 -27.99
C ASN B 117 13.48 15.61 -29.13
N ARG B 118 13.46 14.90 -30.26
CA ARG B 118 14.26 15.33 -31.40
C ARG B 118 13.79 16.70 -31.91
N ASP B 119 12.47 16.88 -32.01
CA ASP B 119 11.94 18.17 -32.45
C ASP B 119 12.29 19.29 -31.47
N TRP B 120 12.21 19.00 -30.17
CA TRP B 120 12.56 19.99 -29.17
C TRP B 120 14.03 20.38 -29.26
N VAL B 121 14.91 19.41 -29.49
CA VAL B 121 16.34 19.72 -29.60
C VAL B 121 16.60 20.60 -30.81
N GLU B 122 15.98 20.26 -31.95
CA GLU B 122 16.13 21.09 -33.14
C GLU B 122 15.65 22.52 -32.88
N GLN B 123 14.49 22.65 -32.24
CA GLN B 123 13.93 23.97 -31.94
C GLN B 123 14.82 24.75 -30.98
N TYR B 124 15.34 24.07 -29.95
CA TYR B 124 16.20 24.74 -28.97
C TYR B 124 17.48 25.24 -29.62
N ARG B 125 18.08 24.43 -30.49
CA ARG B 125 19.26 24.89 -31.22
C ARG B 125 18.94 26.10 -32.09
N LYS B 126 17.81 26.06 -32.80
CA LYS B 126 17.44 27.17 -33.66
C LYS B 126 17.21 28.45 -32.86
N GLU B 127 16.46 28.34 -31.76
CA GLU B 127 16.17 29.51 -30.94
C GLU B 127 17.44 30.09 -30.30
N GLU B 128 18.33 29.22 -29.83
CA GLU B 128 19.58 29.71 -29.25
C GLU B 128 20.46 30.36 -30.31
N ALA B 129 20.41 29.87 -31.55
CA ALA B 129 21.19 30.48 -32.62
C ALA B 129 20.62 31.83 -33.03
N GLU B 130 19.30 32.01 -32.96
CA GLU B 130 18.67 33.22 -33.45
C GLU B 130 18.50 34.30 -32.38
N LYS B 131 19.08 34.13 -31.21
CA LYS B 131 18.95 35.11 -30.14
C LYS B 131 20.18 36.00 -30.07
N LYS B 132 19.94 37.28 -29.79
CA LYS B 132 21.00 38.28 -29.80
C LYS B 132 21.83 38.23 -28.52
N ARG B 133 23.14 38.32 -28.69
CA ARG B 133 24.11 38.29 -27.58
C ARG B 133 24.92 39.57 -27.64
N LEU B 134 24.51 40.57 -26.86
CA LEU B 134 25.16 41.88 -26.89
C LEU B 134 26.35 41.99 -25.95
N ASP B 135 26.64 40.95 -25.16
CA ASP B 135 27.77 40.94 -24.25
C ASP B 135 28.84 39.94 -24.66
N GLU B 136 28.72 39.36 -25.86
CA GLU B 136 29.60 38.29 -26.32
C GLU B 136 30.56 38.87 -27.35
N LYS B 137 31.82 39.03 -26.96
CA LYS B 137 32.83 39.60 -27.85
C LYS B 137 34.12 38.80 -27.93
N TRP B 138 34.31 37.77 -27.12
CA TRP B 138 35.48 36.93 -27.18
C TRP B 138 35.08 35.54 -27.67
N TYR B 139 36.08 34.81 -28.17
CA TYR B 139 35.81 33.48 -28.70
C TYR B 139 35.50 32.48 -27.59
N TRP B 140 36.19 32.60 -26.45
CA TRP B 140 35.98 31.66 -25.36
C TRP B 140 34.57 31.75 -24.79
N GLN B 141 33.96 32.94 -24.85
CA GLN B 141 32.57 33.08 -24.43
C GLN B 141 31.64 32.27 -25.34
N LYS B 142 31.90 32.30 -26.64
CA LYS B 142 31.11 31.48 -27.57
C LYS B 142 31.32 30.00 -27.32
N VAL B 143 32.56 29.58 -27.03
CA VAL B 143 32.81 28.17 -26.69
C VAL B 143 32.03 27.78 -25.45
N ASP B 144 32.04 28.64 -24.42
CA ASP B 144 31.29 28.35 -23.20
C ASP B 144 29.80 28.26 -23.47
N ARG B 145 29.27 29.16 -24.30
CA ARG B 145 27.85 29.12 -24.63
C ARG B 145 27.48 27.83 -25.34
N LYS B 146 28.32 27.39 -26.28
CA LYS B 146 28.09 26.14 -26.96
C LYS B 146 28.11 24.96 -25.99
N ALA B 147 29.06 24.98 -25.04
CA ALA B 147 29.11 23.91 -24.05
C ALA B 147 27.86 23.88 -23.17
N ARG B 148 27.36 25.05 -22.76
CA ARG B 148 26.14 25.09 -21.98
C ARG B 148 24.95 24.54 -22.77
N GLU B 149 24.84 24.93 -24.04
CA GLU B 149 23.76 24.41 -24.88
C GLU B 149 23.86 22.90 -25.03
N GLU B 150 25.07 22.38 -25.20
CA GLU B 150 25.26 20.94 -25.31
C GLU B 150 24.84 20.23 -24.03
N ARG B 151 25.17 20.81 -22.86
CA ARG B 151 24.76 20.21 -21.60
C ARG B 151 23.24 20.14 -21.49
N VAL B 152 22.56 21.22 -21.85
CA VAL B 152 21.09 21.23 -21.79
C VAL B 152 20.51 20.18 -22.71
N VAL B 153 21.01 20.11 -23.95
CA VAL B 153 20.50 19.16 -24.92
C VAL B 153 20.73 17.73 -24.45
N TYR B 154 21.92 17.46 -23.89
CA TYR B 154 22.22 16.11 -23.43
C TYR B 154 21.30 15.70 -22.29
N ARG B 155 21.09 16.59 -21.32
CA ARG B 155 20.21 16.26 -20.20
C ARG B 155 18.79 15.98 -20.68
N GLU B 156 18.29 16.81 -21.60
CA GLU B 156 16.94 16.58 -22.12
C GLU B 156 16.86 15.26 -22.86
N LYS B 157 17.88 14.93 -23.66
CA LYS B 157 17.89 13.67 -24.38
C LYS B 157 17.85 12.47 -23.44
N MET B 158 18.65 12.51 -22.38
CA MET B 158 18.65 11.40 -21.44
C MET B 158 17.31 11.26 -20.73
N LYS B 159 16.70 12.39 -20.33
CA LYS B 159 15.39 12.33 -19.69
C LYS B 159 14.35 11.71 -20.61
N ALA B 160 14.33 12.15 -21.88
CA ALA B 160 13.36 11.61 -22.83
C ALA B 160 13.61 10.14 -23.10
N LYS B 161 14.87 9.73 -23.19
CA LYS B 161 15.19 8.33 -23.41
C LYS B 161 14.71 7.48 -22.24
N GLN B 162 14.91 7.96 -21.01
CA GLN B 162 14.43 7.22 -19.85
C GLN B 162 12.90 7.06 -19.88
N ASP B 163 12.19 8.14 -20.22
CA ASP B 163 10.72 8.05 -20.29
C ASP B 163 10.27 7.06 -21.37
N ALA B 164 10.88 7.15 -22.56
CA ALA B 164 10.51 6.25 -23.64
C ALA B 164 10.86 4.81 -23.30
N LEU B 165 11.97 4.57 -22.60
CA LEU B 165 12.29 3.23 -22.17
C LEU B 165 11.27 2.70 -21.17
N ASN B 166 10.77 3.57 -20.28
CA ASN B 166 9.70 3.15 -19.39
C ASN B 166 8.47 2.68 -20.18
N TYR B 167 8.10 3.45 -21.20
CA TYR B 167 6.96 3.07 -22.03
C TYR B 167 7.22 1.76 -22.77
N PHE B 168 8.43 1.58 -23.30
CA PHE B 168 8.74 0.36 -24.04
C PHE B 168 8.75 -0.86 -23.12
N SER B 169 9.24 -0.70 -21.89
CA SER B 169 9.21 -1.80 -20.92
C SER B 169 7.77 -2.16 -20.56
N LYS B 170 6.91 -1.16 -20.38
CA LYS B 170 5.50 -1.46 -20.14
C LYS B 170 4.88 -2.22 -21.30
N ALA B 171 5.23 -1.82 -22.54
CA ALA B 171 4.73 -2.55 -23.71
C ALA B 171 5.25 -3.99 -23.74
N ILE B 172 6.52 -4.19 -23.38
CA ILE B 172 7.09 -5.54 -23.36
C ILE B 172 6.33 -6.40 -22.35
N ASN B 173 6.06 -5.85 -21.17
CA ASN B 173 5.32 -6.60 -20.16
C ASN B 173 3.90 -6.91 -20.64
N HIS B 174 3.26 -5.97 -21.33
CA HIS B 174 1.91 -6.21 -21.82
C HIS B 174 1.89 -7.30 -22.88
N LEU B 175 2.86 -7.30 -23.80
CA LEU B 175 2.91 -8.34 -24.81
C LEU B 175 3.33 -9.69 -24.23
N ASP B 176 4.03 -9.68 -23.08
CA ASP B 176 4.51 -10.94 -22.51
C ASP B 176 3.37 -11.83 -22.03
N GLU B 177 2.26 -11.25 -21.57
CA GLU B 177 1.20 -12.04 -20.98
C GLU B 177 0.17 -12.55 -21.99
N ILE B 178 0.53 -12.62 -23.26
CA ILE B 178 -0.29 -13.29 -24.27
C ILE B 178 0.19 -14.73 -24.35
N LYS B 179 -0.64 -15.67 -23.90
CA LYS B 179 -0.23 -17.05 -23.69
C LYS B 179 -0.73 -18.01 -24.77
N ASN B 180 -1.25 -17.49 -25.87
CA ASN B 180 -1.75 -18.36 -26.94
C ASN B 180 -0.65 -18.52 -27.99
N PRO B 181 -0.07 -19.71 -28.13
CA PRO B 181 0.98 -19.88 -29.15
C PRO B 181 0.51 -19.63 -30.58
N ASP B 182 -0.76 -19.94 -30.87
CA ASP B 182 -1.30 -19.68 -32.21
C ASP B 182 -1.35 -18.19 -32.51
N LEU B 183 -1.82 -17.38 -31.56
CA LEU B 183 -1.96 -15.95 -31.81
C LEU B 183 -0.62 -15.24 -31.78
N ARG B 184 0.38 -15.80 -31.08
CA ARG B 184 1.71 -15.23 -31.10
C ARG B 184 2.42 -15.43 -32.43
N GLU B 185 1.86 -16.23 -33.34
CA GLU B 185 2.45 -16.48 -34.64
C GLU B 185 1.91 -15.55 -35.73
N ARG B 186 0.99 -14.66 -35.39
CA ARG B 186 0.41 -13.77 -36.39
C ARG B 186 1.44 -12.75 -36.88
N PRO B 187 1.38 -12.37 -38.15
CA PRO B 187 2.34 -11.36 -38.65
C PRO B 187 2.27 -10.03 -37.93
N GLU B 188 1.07 -9.59 -37.55
CA GLU B 188 0.95 -8.33 -36.82
C GLU B 188 1.62 -8.40 -35.46
N PHE B 189 1.46 -9.52 -34.75
CA PHE B 189 2.14 -9.70 -33.48
C PHE B 189 3.65 -9.67 -33.67
N LYS B 190 4.15 -10.35 -34.70
CA LYS B 190 5.58 -10.35 -34.94
C LYS B 190 6.10 -8.95 -35.24
N ARG B 191 5.35 -8.18 -36.04
CA ARG B 191 5.77 -6.83 -36.37
C ARG B 191 5.82 -5.93 -35.14
N LEU B 192 4.75 -5.95 -34.34
CA LEU B 192 4.74 -5.12 -33.14
C LEU B 192 5.83 -5.55 -32.16
N LEU B 193 6.04 -6.86 -32.00
CA LEU B 193 7.07 -7.35 -31.10
C LEU B 193 8.46 -6.94 -31.56
N SER B 194 8.73 -7.05 -32.86
CA SER B 194 10.03 -6.62 -33.38
C SER B 194 10.24 -5.13 -33.18
N ASP B 195 9.21 -4.32 -33.44
CA ASP B 195 9.36 -2.88 -33.25
C ASP B 195 9.62 -2.53 -31.79
N VAL B 196 8.87 -3.15 -30.88
CA VAL B 196 9.04 -2.86 -29.45
C VAL B 196 10.42 -3.30 -28.98
N TYR B 197 10.87 -4.49 -29.39
CA TYR B 197 12.19 -4.96 -29.01
C TYR B 197 13.27 -4.03 -29.55
N ARG B 198 13.15 -3.61 -30.81
CA ARG B 198 14.15 -2.74 -31.41
C ARG B 198 14.22 -1.40 -30.69
N SER B 199 13.06 -0.81 -30.40
CA SER B 199 13.03 0.48 -29.72
C SER B 199 13.63 0.37 -28.33
N TRP B 200 13.29 -0.70 -27.60
CA TRP B 200 13.86 -0.90 -26.28
C TRP B 200 15.37 -1.07 -26.35
N ILE B 201 15.86 -1.82 -27.34
CA ILE B 201 17.29 -2.06 -27.46
C ILE B 201 18.03 -0.75 -27.72
N MET B 202 17.53 0.05 -28.66
CA MET B 202 18.21 1.31 -28.95
C MET B 202 18.18 2.28 -27.77
N ALA B 203 17.02 2.41 -27.11
CA ALA B 203 16.96 3.30 -25.95
C ALA B 203 17.88 2.82 -24.83
N GLU B 204 17.89 1.52 -24.56
CA GLU B 204 18.72 0.98 -23.50
C GLU B 204 20.21 1.15 -23.81
N TYR B 205 20.60 0.96 -25.07
CA TYR B 205 21.97 1.23 -25.46
C TYR B 205 22.32 2.70 -25.27
N ASP B 206 21.39 3.60 -25.61
CA ASP B 206 21.66 5.02 -25.46
C ASP B 206 21.77 5.42 -23.99
N LEU B 207 21.12 4.69 -23.09
CA LEU B 207 21.30 4.92 -21.67
C LEU B 207 22.51 4.20 -21.09
N GLN B 208 23.39 3.67 -21.95
CA GLN B 208 24.64 3.00 -21.56
C GLN B 208 24.40 1.75 -20.73
N ASN B 209 23.25 1.12 -20.88
CA ASN B 209 22.98 -0.16 -20.22
C ASN B 209 23.18 -1.31 -21.21
N LEU B 210 24.45 -1.52 -21.56
CA LEU B 210 24.78 -2.47 -22.62
C LEU B 210 24.47 -3.92 -22.26
N PRO B 211 24.85 -4.45 -21.08
CA PRO B 211 24.57 -5.87 -20.82
C PRO B 211 23.10 -6.23 -20.82
N GLN B 212 22.21 -5.29 -20.48
CA GLN B 212 20.79 -5.59 -20.46
C GLN B 212 20.23 -5.83 -21.86
N THR B 213 20.88 -5.33 -22.91
CA THR B 213 20.38 -5.48 -24.26
C THR B 213 20.59 -6.88 -24.83
N ILE B 214 21.53 -7.66 -24.27
CA ILE B 214 21.88 -8.95 -24.86
C ILE B 214 20.69 -9.92 -24.91
N PRO B 215 19.95 -10.17 -23.82
CA PRO B 215 18.82 -11.10 -23.92
C PRO B 215 17.75 -10.62 -24.89
N ILE B 216 17.50 -9.31 -24.94
CA ILE B 216 16.49 -8.78 -25.85
C ILE B 216 16.94 -8.93 -27.30
N LEU B 217 18.23 -8.69 -27.57
CA LEU B 217 18.73 -8.87 -28.94
C LEU B 217 18.67 -10.34 -29.35
N GLU B 218 18.99 -11.24 -28.42
CA GLU B 218 18.90 -12.67 -28.74
C GLU B 218 17.45 -13.09 -29.00
N LEU B 219 16.50 -12.56 -28.23
CA LEU B 219 15.10 -12.82 -28.54
C LEU B 219 14.71 -12.21 -29.89
N TYR B 220 15.29 -11.05 -30.22
CA TYR B 220 14.96 -10.36 -31.45
C TYR B 220 15.38 -11.15 -32.68
N ILE B 221 16.58 -11.74 -32.66
CA ILE B 221 17.11 -12.36 -33.87
C ILE B 221 16.43 -13.70 -34.17
N GLU B 222 15.46 -14.10 -33.35
CA GLU B 222 14.69 -15.31 -33.61
C GLU B 222 13.29 -15.05 -34.15
N ILE B 223 12.92 -13.79 -34.39
CA ILE B 223 11.63 -13.45 -34.94
C ILE B 223 11.77 -13.32 -36.44
N ASP B 224 11.00 -14.11 -37.19
CA ASP B 224 11.01 -14.09 -38.66
C ASP B 224 12.42 -14.27 -39.19
N ASP B 225 12.89 -13.29 -39.96
CA ASP B 225 14.25 -13.28 -40.48
C ASP B 225 15.02 -12.08 -39.94
N ASN B 226 14.77 -11.72 -38.68
CA ASN B 226 15.49 -10.62 -38.06
C ASN B 226 16.97 -10.91 -37.90
N GLU B 227 17.37 -12.17 -37.96
CA GLU B 227 18.78 -12.52 -37.89
C GLU B 227 19.57 -11.96 -39.07
N LYS B 228 18.91 -11.71 -40.19
CA LYS B 228 19.57 -11.20 -41.39
C LYS B 228 19.92 -9.72 -41.31
N GLU B 229 19.46 -9.02 -40.27
CA GLU B 229 19.74 -7.60 -40.12
C GLU B 229 21.08 -7.40 -39.42
N TYR B 230 21.99 -6.71 -40.08
CA TYR B 230 23.34 -6.50 -39.54
C TYR B 230 23.41 -5.56 -38.34
N PRO B 231 22.56 -4.53 -38.21
CA PRO B 231 22.64 -3.69 -37.00
C PRO B 231 22.44 -4.47 -35.70
N ALA B 232 21.60 -5.50 -35.72
CA ALA B 232 21.44 -6.34 -34.54
C ALA B 232 22.75 -7.00 -34.14
N HIS B 233 23.48 -7.52 -35.13
CA HIS B 233 24.75 -8.16 -34.83
C HIS B 233 25.82 -7.15 -34.41
N LYS B 234 25.76 -5.93 -34.96
CA LYS B 234 26.68 -4.89 -34.52
C LYS B 234 26.43 -4.54 -33.05
N TYR B 235 25.17 -4.38 -32.67
CA TYR B 235 24.83 -4.13 -31.28
C TYR B 235 25.27 -5.27 -30.38
N LEU B 236 25.06 -6.51 -30.83
CA LEU B 236 25.46 -7.68 -30.05
C LEU B 236 26.98 -7.72 -29.86
N ALA B 237 27.73 -7.40 -30.91
CA ALA B 237 29.18 -7.38 -30.79
C ALA B 237 29.64 -6.34 -29.78
N SER B 238 29.04 -5.15 -29.82
CA SER B 238 29.40 -4.12 -28.85
C SER B 238 29.07 -4.56 -27.43
N ALA B 239 27.90 -5.16 -27.23
CA ALA B 239 27.49 -5.55 -25.88
C ALA B 239 28.37 -6.67 -25.33
N TYR B 240 28.72 -7.64 -26.18
CA TYR B 240 29.60 -8.72 -25.74
C TYR B 240 31.01 -8.21 -25.49
N SER B 241 31.46 -7.21 -26.25
CA SER B 241 32.74 -6.58 -25.96
C SER B 241 32.73 -5.92 -24.59
N PHE B 242 31.63 -5.24 -24.26
CA PHE B 242 31.50 -4.64 -22.94
C PHE B 242 31.55 -5.71 -21.85
N GLU B 243 30.85 -6.83 -22.05
CA GLU B 243 30.86 -7.89 -21.04
C GLU B 243 32.25 -8.48 -20.86
N GLU B 244 32.97 -8.69 -21.97
CA GLU B 244 34.32 -9.22 -21.87
C GLU B 244 35.26 -8.25 -21.17
N ASN B 245 35.14 -6.95 -21.46
CA ASN B 245 35.97 -5.97 -20.77
C ASN B 245 35.65 -5.93 -19.28
N MET B 246 34.37 -6.07 -18.92
CA MET B 246 34.00 -6.11 -17.51
C MET B 246 34.60 -7.32 -16.81
N ILE B 247 34.55 -8.49 -17.47
CA ILE B 247 35.16 -9.68 -16.86
C ILE B 247 36.67 -9.49 -16.72
N LYS B 248 37.29 -8.87 -17.71
CA LYS B 248 38.74 -8.65 -17.65
C LYS B 248 39.11 -7.75 -16.48
N LYS B 249 38.38 -6.64 -16.31
CA LYS B 249 38.77 -5.66 -15.29
C LYS B 249 38.48 -6.16 -13.88
N THR B 250 37.52 -7.08 -13.72
CA THR B 250 37.17 -7.58 -12.40
C THR B 250 37.89 -8.89 -12.07
N LYS B 251 38.75 -9.38 -12.95
CA LYS B 251 39.45 -10.64 -12.76
C LYS B 251 38.49 -11.78 -12.46
N GLY B 252 37.42 -11.85 -13.25
CA GLY B 252 36.41 -12.86 -13.08
C GLY B 252 36.85 -14.21 -13.62
N PRO B 253 35.93 -15.18 -13.65
CA PRO B 253 36.28 -16.51 -14.13
C PRO B 253 36.69 -16.50 -15.60
N ASP B 254 37.60 -17.41 -15.95
CA ASP B 254 38.15 -17.46 -17.31
C ASP B 254 37.13 -18.00 -18.31
N ASP B 255 36.26 -18.91 -17.87
CA ASP B 255 35.24 -19.44 -18.77
C ASP B 255 34.30 -18.33 -19.25
N MET B 256 33.91 -17.44 -18.34
CA MET B 256 33.06 -16.31 -18.71
C MET B 256 33.76 -15.43 -19.75
N LEU B 257 35.04 -15.15 -19.52
CA LEU B 257 35.79 -14.30 -20.44
C LEU B 257 35.87 -14.94 -21.82
N PHE B 258 36.17 -16.24 -21.87
CA PHE B 258 36.28 -16.92 -23.15
C PHE B 258 34.94 -16.96 -23.89
N LYS B 259 33.85 -17.27 -23.18
CA LYS B 259 32.55 -17.32 -23.83
C LYS B 259 32.14 -15.95 -24.36
N TYR B 260 32.36 -14.89 -23.58
CA TYR B 260 32.01 -13.56 -24.05
C TYR B 260 32.85 -13.16 -25.26
N ARG B 261 34.15 -13.46 -25.24
CA ARG B 261 35.00 -13.14 -26.38
C ARG B 261 34.57 -13.90 -27.62
N TYR B 262 34.23 -15.18 -27.47
CA TYR B 262 33.78 -15.97 -28.61
C TYR B 262 32.48 -15.41 -29.19
N LYS B 263 31.53 -15.05 -28.31
CA LYS B 263 30.27 -14.48 -28.79
C LYS B 263 30.50 -13.16 -29.52
N LYS B 264 31.36 -12.30 -28.96
CA LYS B 264 31.63 -11.02 -29.59
C LYS B 264 32.25 -11.21 -30.96
N ASN B 265 33.23 -12.13 -31.07
CA ASN B 265 33.86 -12.38 -32.35
C ASN B 265 32.86 -12.93 -33.36
N VAL B 266 32.02 -13.88 -32.95
CA VAL B 266 31.05 -14.48 -33.86
C VAL B 266 30.11 -13.41 -34.40
N HIS B 267 29.59 -12.56 -33.52
CA HIS B 267 28.61 -11.57 -33.97
C HIS B 267 29.25 -10.44 -34.75
N LEU B 268 30.49 -10.05 -34.43
CA LEU B 268 31.20 -9.08 -35.24
C LEU B 268 31.44 -9.63 -36.65
N LEU B 269 31.84 -10.90 -36.75
CA LEU B 269 32.03 -11.50 -38.06
C LEU B 269 30.72 -11.56 -38.84
N ARG B 270 29.63 -11.91 -38.17
CA ARG B 270 28.34 -11.98 -38.86
C ARG B 270 27.89 -10.61 -39.33
N ALA B 271 28.07 -9.58 -38.51
CA ALA B 271 27.72 -8.22 -38.92
C ALA B 271 28.56 -7.78 -40.11
N THR B 272 29.86 -8.09 -40.10
CA THR B 272 30.72 -7.73 -41.22
C THR B 272 30.29 -8.44 -42.49
N GLU B 273 29.95 -9.74 -42.39
CA GLU B 273 29.52 -10.48 -43.56
C GLU B 273 28.19 -9.96 -44.10
N LEU B 274 27.26 -9.59 -43.22
CA LEU B 274 25.94 -9.17 -43.66
C LEU B 274 25.96 -7.81 -44.35
N LYS B 275 26.88 -6.93 -43.97
CA LYS B 275 26.88 -5.57 -44.51
C LYS B 275 27.75 -5.45 -45.76
N TYR B 276 28.98 -5.97 -45.72
CA TYR B 276 29.92 -5.83 -46.82
C TYR B 276 30.02 -7.08 -47.69
N GLY B 277 29.45 -8.20 -47.26
CA GLY B 277 29.49 -9.42 -48.04
C GLY B 277 30.71 -10.27 -47.75
N LYS B 278 30.61 -11.55 -48.09
CA LYS B 278 31.71 -12.48 -47.93
C LYS B 278 32.84 -12.15 -48.91
N ASP B 279 34.03 -12.66 -48.61
CA ASP B 279 35.24 -12.49 -49.42
C ASP B 279 35.42 -11.05 -49.89
N SER B 280 35.29 -10.12 -48.95
CA SER B 280 35.50 -8.70 -49.18
C SER B 280 36.71 -8.21 -48.39
N PRO B 281 37.29 -7.06 -48.77
CA PRO B 281 38.39 -6.50 -47.95
C PRO B 281 37.99 -6.29 -46.50
N GLU B 282 36.76 -5.83 -46.24
CA GLU B 282 36.30 -5.69 -44.86
C GLU B 282 36.22 -7.05 -44.18
N TYR B 283 35.70 -8.06 -44.86
CA TYR B 283 35.58 -9.39 -44.26
C TYR B 283 36.96 -9.98 -43.99
N LYS B 284 37.90 -9.81 -44.92
CA LYS B 284 39.25 -10.32 -44.70
C LYS B 284 39.93 -9.60 -43.54
N HIS B 285 39.77 -8.28 -43.44
CA HIS B 285 40.34 -7.55 -42.32
C HIS B 285 39.74 -8.01 -40.99
N ILE B 286 38.43 -8.24 -40.97
CA ILE B 286 37.77 -8.67 -39.75
C ILE B 286 38.22 -10.08 -39.36
N VAL B 287 38.42 -10.94 -40.35
CA VAL B 287 38.96 -12.28 -40.08
C VAL B 287 40.36 -12.18 -39.48
N ASN B 288 41.17 -11.27 -40.02
CA ASN B 288 42.51 -11.08 -39.46
C ASN B 288 42.45 -10.62 -38.01
N VAL B 289 41.55 -9.68 -37.71
CA VAL B 289 41.41 -9.19 -36.33
C VAL B 289 40.95 -10.32 -35.41
N ILE B 290 39.96 -11.11 -35.85
CA ILE B 290 39.45 -12.18 -35.01
C ILE B 290 40.52 -13.24 -34.76
N ASN B 291 41.27 -13.60 -35.81
CA ASN B 291 42.34 -14.58 -35.65
C ASN B 291 43.43 -14.07 -34.71
N ARG B 292 43.75 -12.78 -34.78
CA ARG B 292 44.72 -12.22 -33.85
C ARG B 292 44.18 -12.21 -32.41
N ASP B 293 42.90 -11.92 -32.24
CA ASP B 293 42.33 -11.80 -30.90
C ASP B 293 42.18 -13.17 -30.23
N GLU B 294 41.68 -14.15 -30.96
CA GLU B 294 41.47 -15.48 -30.40
C GLU B 294 42.79 -16.25 -30.30
#